data_1US3
#
_entry.id   1US3
#
_cell.length_a   44.175
_cell.length_b   78.789
_cell.length_c   172.244
_cell.angle_alpha   90.00
_cell.angle_beta   90.00
_cell.angle_gamma   90.00
#
_symmetry.space_group_name_H-M   'P 21 21 21'
#
loop_
_entity.id
_entity.type
_entity.pdbx_description
1 polymer 'ENDO-BETA-1,4-XYLANASE PRECURSOR'
2 non-polymer GLYCEROL
3 non-polymer 2-AMINO-2-HYDROXYMETHYL-PROPANE-1,3-DIOL
4 non-polymer 'SODIUM ION'
5 water water
#
_entity_poly.entity_id   1
_entity_poly.type   'polypeptide(L)'
_entity_poly.pdbx_seq_one_letter_code
;MVAASEGNVVIEVDMANGWRGNASGSTSHSGITYSADGVTFAALGDGVGAVFDIARPTTLEDAVIAMVVNVSAEFKASEA
NLQIFAQLKEDWSKGEWDCLAASSELTADTDLTLTCTIDEDDDKFNQTARDVQVGIQAKGTPAGTITIKSVTITLAQEAY
SANVDHLRDLAPSDFPIGVAVSNTDSATYNLLTNSREQAVVKKHFNHLTAGNIMKMSYMQPTEGNFNFTNADAFVDWATE
NNMTVHGHALVWHSDYQVPNFMKNWAGSAEDFLAALDTHITTIVDHYEAKGNLVSWDVVNEAIDDNSPANFRTTDSAFYV
KSGNSSVYIERAFQTARAADPAVILYYNDYNIEQNNAKTTKMVDMVKDFQARSIPIDGVGFQMHVCMNYPSIANISAAMK
KVVDLGLLVKITELDVAVNQPHCDAYPANKINPLTEAAQLAQKKRYCDVVKAYLDTVPVNQRGGISVWGTTDANTWLDGL
YREQFEDEKISWPLLFDNNYNDKPALRGFADALIGTQCTNTHELHHHHHH
;
_entity_poly.pdbx_strand_id   A
#
# COMPACT_ATOMS: atom_id res chain seq x y z
N ASP A 14 18.33 16.82 -19.25
CA ASP A 14 18.70 16.91 -20.72
C ASP A 14 20.02 17.71 -20.98
N MET A 15 21.10 16.95 -21.22
CA MET A 15 22.46 17.48 -21.40
C MET A 15 22.95 17.35 -22.84
N ALA A 16 21.99 17.13 -23.76
CA ALA A 16 22.29 16.96 -25.19
C ALA A 16 21.42 17.88 -26.08
N ASN A 17 20.53 18.64 -25.43
CA ASN A 17 19.72 19.67 -26.09
C ASN A 17 19.34 20.82 -25.15
N GLY A 18 19.34 22.08 -25.71
CA GLY A 18 18.83 23.24 -25.01
C GLY A 18 19.86 24.14 -24.31
N TRP A 19 21.13 23.76 -24.38
CA TRP A 19 22.18 24.48 -23.64
C TRP A 19 22.76 25.64 -24.45
N ARG A 20 23.23 26.68 -23.75
CA ARG A 20 23.70 27.93 -24.35
C ARG A 20 24.90 28.44 -23.59
N GLY A 21 25.82 29.13 -24.26
CA GLY A 21 26.79 29.94 -23.56
C GLY A 21 26.08 31.19 -23.04
N ASN A 22 26.56 31.71 -21.92
CA ASN A 22 26.01 32.92 -21.34
C ASN A 22 27.08 33.82 -20.73
N ALA A 23 26.89 35.13 -20.85
CA ALA A 23 27.78 36.11 -20.22
C ALA A 23 26.98 37.06 -19.34
N SER A 24 27.20 37.00 -18.03
CA SER A 24 26.54 37.93 -17.11
C SER A 24 27.40 39.16 -16.86
N GLY A 25 28.68 39.05 -17.25
CA GLY A 25 29.61 40.16 -17.11
C GLY A 25 29.98 40.76 -18.46
N SER A 26 31.11 41.43 -18.52
CA SER A 26 31.49 42.10 -19.75
C SER A 26 32.21 41.18 -20.73
N THR A 27 32.88 40.14 -20.20
CA THR A 27 33.63 39.20 -21.02
C THR A 27 32.68 38.35 -21.84
N SER A 28 32.94 38.23 -23.14
CA SER A 28 32.10 37.34 -23.98
C SER A 28 32.33 35.87 -23.66
N HIS A 29 31.30 35.04 -23.82
CA HIS A 29 31.44 33.59 -23.71
C HIS A 29 31.82 33.00 -25.07
N SER A 30 32.17 31.71 -25.10
CA SER A 30 32.48 31.06 -26.37
C SER A 30 31.55 29.87 -26.65
N GLY A 31 30.29 30.00 -26.24
CA GLY A 31 29.31 28.94 -26.39
C GLY A 31 29.59 27.74 -25.50
N ILE A 32 29.05 26.59 -25.91
CA ILE A 32 29.22 25.33 -25.20
C ILE A 32 29.69 24.25 -26.17
N THR A 33 30.19 23.13 -25.63
CA THR A 33 30.55 21.98 -26.44
C THR A 33 29.74 20.78 -25.94
N TYR A 34 29.07 20.07 -26.85
CA TYR A 34 28.42 18.78 -26.52
C TYR A 34 29.41 17.63 -26.69
N SER A 35 29.53 16.81 -25.65
CA SER A 35 30.33 15.59 -25.69
C SER A 35 29.57 14.44 -25.03
N ALA A 36 30.15 13.25 -25.07
CA ALA A 36 29.63 12.11 -24.31
C ALA A 36 29.65 12.39 -22.80
N ASP A 37 30.45 13.37 -22.37
CA ASP A 37 30.55 13.76 -20.98
C ASP A 37 29.44 14.74 -20.51
N GLY A 38 28.86 15.48 -21.45
CA GLY A 38 27.76 16.39 -21.15
C GLY A 38 27.91 17.72 -21.86
N VAL A 39 28.02 18.79 -21.09
CA VAL A 39 28.17 20.15 -21.65
C VAL A 39 29.40 20.84 -21.04
N THR A 40 30.31 21.27 -21.92
CA THR A 40 31.53 21.92 -21.49
C THR A 40 31.53 23.39 -21.97
N PHE A 41 32.07 24.28 -21.16
CA PHE A 41 32.35 25.65 -21.62
C PHE A 41 33.70 26.09 -21.09
N ALA A 42 34.32 27.00 -21.84
CA ALA A 42 35.57 27.64 -21.47
C ALA A 42 35.26 28.80 -20.53
N ALA A 43 35.89 28.78 -19.35
CA ALA A 43 35.63 29.74 -18.28
C ALA A 43 36.50 30.95 -18.55
N LEU A 44 36.09 31.71 -19.56
CA LEU A 44 36.91 32.77 -20.14
C LEU A 44 37.07 34.03 -19.29
N GLY A 45 36.12 34.28 -18.41
CA GLY A 45 36.17 35.48 -17.59
C GLY A 45 35.04 35.49 -16.59
N ASP A 46 34.98 36.53 -15.77
CA ASP A 46 33.92 36.62 -14.78
C ASP A 46 32.54 36.62 -15.45
N GLY A 47 31.65 35.75 -14.99
CA GLY A 47 30.28 35.74 -15.47
C GLY A 47 30.04 34.94 -16.72
N VAL A 48 31.06 34.24 -17.20
CA VAL A 48 30.93 33.43 -18.39
C VAL A 48 30.42 32.08 -17.91
N GLY A 49 29.41 31.54 -18.58
CA GLY A 49 28.78 30.31 -18.12
C GLY A 49 27.95 29.63 -19.17
N ALA A 50 27.13 28.67 -18.74
CA ALA A 50 26.27 27.91 -19.63
C ALA A 50 24.90 27.75 -18.99
N VAL A 51 23.86 27.88 -19.81
CA VAL A 51 22.48 27.95 -19.33
C VAL A 51 21.54 27.16 -20.22
N PHE A 52 20.40 26.76 -19.65
CA PHE A 52 19.33 26.14 -20.42
C PHE A 52 18.01 26.76 -19.96
N ASP A 53 16.93 26.41 -20.65
CA ASP A 53 15.64 27.07 -20.44
C ASP A 53 14.58 26.16 -19.85
N ILE A 54 13.71 26.76 -19.03
CA ILE A 54 12.54 26.07 -18.47
C ILE A 54 11.26 26.85 -18.77
N ALA A 66 20.41 20.76 -8.46
CA ALA A 66 21.49 19.76 -8.23
C ALA A 66 22.26 19.34 -9.50
N MET A 67 23.51 19.79 -9.64
CA MET A 67 24.33 19.47 -10.82
C MET A 67 25.49 18.53 -10.46
N VAL A 68 25.97 17.79 -11.48
CA VAL A 68 27.28 17.11 -11.41
C VAL A 68 28.30 17.73 -12.39
N VAL A 69 29.48 18.06 -11.86
CA VAL A 69 30.48 18.85 -12.60
C VAL A 69 31.92 18.32 -12.47
N ASN A 70 32.76 18.65 -13.45
CA ASN A 70 34.19 18.33 -13.44
C ASN A 70 34.95 19.51 -14.03
N VAL A 71 35.79 20.13 -13.21
CA VAL A 71 36.53 21.33 -13.59
C VAL A 71 37.96 20.98 -14.00
N SER A 72 38.52 21.79 -14.90
CA SER A 72 39.88 21.58 -15.39
C SER A 72 40.90 21.94 -14.31
N ALA A 73 42.15 21.50 -14.52
CA ALA A 73 43.27 21.86 -13.65
C ALA A 73 43.53 23.36 -13.69
N GLU A 74 43.41 23.97 -14.87
CA GLU A 74 43.58 25.41 -15.00
C GLU A 74 42.48 26.16 -14.24
N PHE A 75 41.30 25.56 -14.11
CA PHE A 75 40.22 26.19 -13.35
C PHE A 75 40.51 26.23 -11.85
N LYS A 76 40.89 25.08 -11.28
CA LYS A 76 41.23 25.02 -9.86
C LYS A 76 42.38 26.00 -9.56
N ALA A 77 43.40 25.99 -10.40
CA ALA A 77 44.54 26.90 -10.27
C ALA A 77 44.16 28.38 -10.30
N SER A 78 43.08 28.70 -11.03
CA SER A 78 42.64 30.08 -11.23
C SER A 78 42.09 30.73 -9.96
N GLU A 79 41.59 29.89 -9.04
CA GLU A 79 41.01 30.29 -7.75
C GLU A 79 39.57 30.80 -7.89
N ALA A 80 39.01 30.65 -9.10
CA ALA A 80 37.66 31.08 -9.40
C ALA A 80 36.59 30.17 -8.80
N ASN A 81 35.48 30.79 -8.42
CA ASN A 81 34.35 30.07 -7.87
C ASN A 81 33.35 29.72 -8.97
N LEU A 82 32.44 28.80 -8.66
CA LEU A 82 31.32 28.47 -9.53
C LEU A 82 30.01 28.94 -8.92
N GLN A 83 29.19 29.62 -9.72
CA GLN A 83 27.90 30.11 -9.28
C GLN A 83 26.79 29.44 -10.07
N ILE A 84 26.03 28.59 -9.40
CA ILE A 84 24.75 28.16 -9.94
C ILE A 84 23.84 29.37 -9.74
N PHE A 85 22.97 29.61 -10.71
CA PHE A 85 22.06 30.74 -10.65
C PHE A 85 20.83 30.47 -11.50
N ALA A 86 19.82 31.30 -11.31
CA ALA A 86 18.61 31.29 -12.12
C ALA A 86 18.14 32.73 -12.28
N GLN A 87 17.51 33.01 -13.42
CA GLN A 87 16.93 34.33 -13.66
C GLN A 87 15.75 34.25 -14.64
N LEU A 88 14.78 35.14 -14.46
CA LEU A 88 13.64 35.27 -15.36
C LEU A 88 14.12 35.90 -16.68
N LYS A 89 13.68 35.32 -17.79
CA LYS A 89 14.13 35.77 -19.11
C LYS A 89 13.47 37.08 -19.54
N GLU A 90 14.33 38.04 -19.87
CA GLU A 90 14.00 39.43 -20.25
C GLU A 90 13.81 40.38 -19.05
N ASP A 91 13.31 39.85 -17.93
CA ASP A 91 13.42 40.53 -16.64
C ASP A 91 14.64 39.95 -15.91
N TRP A 92 15.83 40.37 -16.38
CA TRP A 92 17.11 39.71 -16.05
C TRP A 92 17.65 39.87 -14.62
N SER A 93 17.30 40.97 -13.95
CA SER A 93 17.87 41.27 -12.62
C SER A 93 17.32 40.39 -11.48
N LYS A 94 16.12 39.85 -11.67
CA LYS A 94 15.47 39.04 -10.64
C LYS A 94 16.10 37.66 -10.53
N GLU A 96 18.17 35.04 -7.94
CA GLU A 96 18.90 33.95 -7.29
C GLU A 96 20.41 34.10 -7.41
N TRP A 97 20.96 35.14 -6.75
CA TRP A 97 22.41 35.35 -6.67
C TRP A 97 23.04 34.56 -5.53
N ASP A 98 22.20 34.02 -4.64
CA ASP A 98 22.64 33.44 -3.36
C ASP A 98 23.59 32.24 -3.42
N CYS A 99 23.49 31.45 -4.49
CA CYS A 99 24.28 30.21 -4.62
C CYS A 99 25.73 30.46 -4.99
N LEU A 100 26.61 29.65 -4.39
CA LEU A 100 28.05 29.76 -4.62
C LEU A 100 28.79 28.50 -4.18
N ALA A 101 29.60 27.98 -5.08
CA ALA A 101 30.57 26.92 -4.76
C ALA A 101 31.97 27.50 -4.86
N ALA A 102 32.68 27.54 -3.74
CA ALA A 102 34.03 28.13 -3.68
C ALA A 102 35.07 27.23 -4.34
N SER A 103 36.20 27.83 -4.73
CA SER A 103 37.31 27.12 -5.36
C SER A 103 37.82 25.98 -4.47
N SER A 104 37.95 26.28 -3.18
CA SER A 104 38.41 25.33 -2.17
C SER A 104 37.54 24.08 -2.03
N GLU A 105 36.27 24.18 -2.44
CA GLU A 105 35.37 23.03 -2.44
C GLU A 105 35.59 22.10 -3.64
N LEU A 106 36.44 22.52 -4.57
CA LEU A 106 36.62 21.82 -5.85
C LEU A 106 37.95 21.07 -5.93
N THR A 107 37.99 20.06 -6.79
CA THR A 107 39.23 19.29 -7.02
C THR A 107 39.72 19.36 -8.47
N ASP A 111 35.21 15.26 -10.48
CA ASP A 111 33.80 14.91 -10.57
C ASP A 111 33.03 15.20 -9.27
N LEU A 112 32.48 16.42 -9.18
CA LEU A 112 31.82 16.87 -7.95
C LEU A 112 30.29 16.96 -8.05
N THR A 113 29.64 17.15 -6.91
CA THR A 113 28.20 17.35 -6.85
C THR A 113 27.89 18.72 -6.25
N LEU A 114 27.25 19.57 -7.06
CA LEU A 114 26.87 20.92 -6.65
C LEU A 114 25.35 21.07 -6.65
N THR A 115 24.81 21.55 -5.53
CA THR A 115 23.37 21.78 -5.41
C THR A 115 23.02 23.25 -5.16
N CYS A 116 21.82 23.63 -5.63
CA CYS A 116 21.29 24.96 -5.45
C CYS A 116 19.78 24.89 -5.29
N THR A 117 19.25 25.70 -4.37
CA THR A 117 17.81 25.69 -4.05
C THR A 117 17.20 27.10 -4.10
N LYS A 124 8.82 34.05 -5.27
CA LYS A 124 9.49 34.66 -6.42
C LYS A 124 9.85 33.65 -7.53
N PHE A 125 9.87 32.36 -7.17
CA PHE A 125 10.23 31.29 -8.10
C PHE A 125 9.13 30.90 -9.09
N ASN A 126 7.86 31.01 -8.66
CA ASN A 126 6.73 30.60 -9.48
C ASN A 126 6.04 31.75 -10.23
N GLN A 127 6.06 31.64 -11.55
CA GLN A 127 5.44 32.63 -12.44
C GLN A 127 4.89 31.94 -13.70
N THR A 128 3.92 32.60 -14.35
CA THR A 128 3.26 32.03 -15.53
C THR A 128 3.62 32.80 -16.80
N ASP A 131 9.21 32.10 -18.55
CA ASP A 131 10.37 31.37 -19.04
C ASP A 131 11.61 31.57 -18.15
N VAL A 132 12.18 30.47 -17.67
CA VAL A 132 13.27 30.52 -16.67
C VAL A 132 14.62 30.08 -17.24
N GLN A 133 15.62 30.95 -17.09
CA GLN A 133 16.99 30.67 -17.50
C GLN A 133 17.86 30.20 -16.31
N VAL A 134 18.39 28.99 -16.43
CA VAL A 134 19.16 28.36 -15.36
C VAL A 134 20.51 27.90 -15.89
N GLY A 135 21.54 28.02 -15.06
CA GLY A 135 22.83 27.45 -15.38
C GLY A 135 23.87 27.67 -14.29
N ILE A 136 25.12 27.70 -14.72
CA ILE A 136 26.26 27.90 -13.84
C ILE A 136 27.27 28.79 -14.55
N GLN A 137 27.95 29.64 -13.79
CA GLN A 137 28.94 30.55 -14.37
C GLN A 137 30.17 30.65 -13.48
N ALA A 138 31.30 30.97 -14.09
CA ALA A 138 32.54 31.18 -13.35
C ALA A 138 32.58 32.57 -12.75
N LYS A 139 33.16 32.66 -11.56
CA LYS A 139 33.24 33.93 -10.83
C LYS A 139 34.67 34.21 -10.42
N GLY A 140 35.16 35.40 -10.74
CA GLY A 140 36.49 35.82 -10.34
C GLY A 140 37.35 36.08 -11.54
N THR A 141 38.55 35.49 -11.54
CA THR A 141 39.50 35.59 -12.66
C THR A 141 39.79 34.18 -13.20
N PRO A 142 38.81 33.55 -13.85
CA PRO A 142 38.90 32.14 -14.23
C PRO A 142 39.78 31.84 -15.43
N ALA A 143 40.04 30.55 -15.58
CA ALA A 143 40.76 29.97 -16.70
C ALA A 143 40.30 28.52 -16.80
N GLY A 144 40.73 27.83 -17.86
CA GLY A 144 40.37 26.43 -18.04
C GLY A 144 38.90 26.23 -18.38
N THR A 145 38.40 25.02 -18.16
CA THR A 145 37.05 24.65 -18.60
C THR A 145 36.18 24.05 -17.50
N ILE A 146 34.87 24.03 -17.75
CA ILE A 146 33.88 23.42 -16.85
C ILE A 146 33.04 22.41 -17.62
N THR A 147 33.03 21.17 -17.15
CA THR A 147 32.17 20.16 -17.75
C THR A 147 31.04 19.82 -16.80
N ILE A 148 29.80 20.01 -17.26
CA ILE A 148 28.61 19.61 -16.51
C ILE A 148 28.12 18.24 -17.00
N LYS A 149 28.15 17.24 -16.10
CA LYS A 149 27.83 15.85 -16.46
C LYS A 149 26.29 15.50 -16.34
N SER A 150 25.63 15.97 -15.26
CA SER A 150 24.18 15.89 -15.13
C SER A 150 23.59 17.10 -14.38
N VAL A 151 22.28 17.30 -14.56
CA VAL A 151 21.48 18.28 -13.80
C VAL A 151 20.11 17.63 -13.58
N THR A 152 19.71 17.57 -12.30
CA THR A 152 18.33 17.26 -11.93
C THR A 152 17.78 18.38 -11.04
N ILE A 153 16.46 18.58 -11.12
CA ILE A 153 15.76 19.58 -10.33
C ILE A 153 14.52 18.93 -9.71
N THR A 154 14.33 19.14 -8.41
CA THR A 154 13.23 18.48 -7.69
C THR A 154 12.32 19.47 -6.96
N ALA A 159 2.96 19.90 1.18
CA ALA A 159 2.79 18.72 2.10
C ALA A 159 1.37 18.58 2.72
N TYR A 160 0.56 17.69 2.19
CA TYR A 160 -0.84 17.62 2.57
C TYR A 160 -1.04 17.01 3.95
N SER A 161 -2.02 17.54 4.69
CA SER A 161 -2.39 16.98 5.99
C SER A 161 -3.88 16.79 6.01
N ALA A 162 -4.29 15.62 6.50
CA ALA A 162 -5.71 15.33 6.67
C ALA A 162 -6.28 15.99 7.92
N ASN A 163 -5.40 16.45 8.82
CA ASN A 163 -5.83 17.03 10.10
C ASN A 163 -6.69 16.01 10.90
N VAL A 164 -6.21 14.77 10.89
CA VAL A 164 -6.80 13.68 11.69
C VAL A 164 -5.75 13.29 12.73
N ASP A 165 -6.04 13.52 14.01
CA ASP A 165 -5.09 13.23 15.09
C ASP A 165 -4.91 11.72 15.24
N HIS A 166 -6.04 11.03 15.32
CA HIS A 166 -6.07 9.58 15.56
C HIS A 166 -7.34 8.99 14.92
N LEU A 167 -7.19 8.33 13.77
CA LEU A 167 -8.34 7.86 13.02
C LEU A 167 -9.26 7.00 13.90
N ARG A 168 -8.67 6.07 14.65
CA ARG A 168 -9.41 5.18 15.53
C ARG A 168 -10.38 5.93 16.49
N ASP A 169 -10.04 7.15 16.89
CA ASP A 169 -10.82 7.84 17.92
C ASP A 169 -12.08 8.48 17.38
N LEU A 170 -12.24 8.45 16.06
CA LEU A 170 -13.43 9.05 15.44
C LEU A 170 -14.56 8.05 15.22
N ALA A 171 -14.32 6.77 15.49
CA ALA A 171 -15.35 5.76 15.24
C ALA A 171 -16.61 6.09 16.05
N PRO A 172 -17.78 6.19 15.40
CA PRO A 172 -19.00 6.57 16.13
C PRO A 172 -19.57 5.48 17.06
N SER A 173 -19.03 4.27 16.99
CA SER A 173 -19.25 3.25 18.02
C SER A 173 -17.92 2.52 18.19
N ASP A 174 -17.84 1.65 19.20
CA ASP A 174 -16.60 0.97 19.49
C ASP A 174 -16.44 -0.27 18.59
N PHE A 175 -15.96 -0.04 17.37
CA PHE A 175 -15.58 -1.15 16.49
C PHE A 175 -14.13 -0.94 16.07
N PRO A 176 -13.42 -2.02 15.73
CA PRO A 176 -11.99 -1.92 15.35
C PRO A 176 -11.72 -1.03 14.13
N ILE A 177 -10.68 -0.19 14.21
CA ILE A 177 -10.18 0.54 13.04
C ILE A 177 -8.76 0.00 12.84
N GLY A 178 -8.59 -0.85 11.82
CA GLY A 178 -7.42 -1.72 11.80
C GLY A 178 -6.61 -1.57 10.52
N VAL A 179 -5.46 -2.24 10.50
CA VAL A 179 -4.55 -2.20 9.36
C VAL A 179 -3.81 -3.54 9.26
N ALA A 180 -3.46 -3.94 8.03
CA ALA A 180 -2.56 -5.08 7.83
C ALA A 180 -1.16 -4.52 7.92
N VAL A 181 -0.26 -5.31 8.51
CA VAL A 181 1.15 -4.96 8.56
C VAL A 181 2.02 -6.06 7.93
N SER A 182 3.25 -5.66 7.54
CA SER A 182 4.31 -6.61 7.21
C SER A 182 5.02 -7.01 8.49
N ASN A 183 5.57 -8.22 8.48
CA ASN A 183 6.32 -8.74 9.63
C ASN A 183 7.65 -9.27 9.11
N THR A 184 8.11 -10.43 9.58
CA THR A 184 9.43 -10.92 9.18
C THR A 184 9.50 -11.27 7.69
N ASP A 185 8.34 -11.39 7.06
CA ASP A 185 8.27 -11.69 5.65
C ASP A 185 8.78 -10.53 4.75
N SER A 186 8.92 -9.33 5.33
CA SER A 186 9.45 -8.19 4.58
C SER A 186 10.60 -7.54 5.36
N ALA A 187 11.83 -7.71 4.90
CA ALA A 187 12.97 -7.12 5.61
C ALA A 187 12.79 -5.61 5.69
N THR A 188 12.27 -5.02 4.61
CA THR A 188 12.13 -3.54 4.51
C THR A 188 10.99 -3.04 5.41
N TYR A 189 9.83 -3.67 5.31
CA TYR A 189 8.60 -3.15 5.91
C TYR A 189 8.13 -3.79 7.21
N ASN A 190 8.86 -4.79 7.70
CA ASN A 190 8.56 -5.44 9.00
C ASN A 190 8.16 -4.42 10.04
N LEU A 191 6.97 -4.60 10.59
CA LEU A 191 6.48 -3.71 11.65
C LEU A 191 7.49 -3.55 12.78
N LEU A 192 8.11 -4.67 13.17
CA LEU A 192 8.98 -4.68 14.33
C LEU A 192 10.37 -4.08 14.07
N THR A 193 10.75 -3.85 12.81
CA THR A 193 12.05 -3.20 12.56
C THR A 193 11.94 -1.84 11.87
N ASN A 194 10.72 -1.47 11.44
CA ASN A 194 10.51 -0.26 10.67
C ASN A 194 9.84 0.81 11.53
N SER A 195 10.63 1.78 11.99
CA SER A 195 10.08 2.77 12.91
C SER A 195 9.00 3.67 12.27
N ARG A 196 9.05 3.90 10.97
CA ARG A 196 7.97 4.64 10.31
C ARG A 196 6.67 3.86 10.25
N GLU A 197 6.76 2.55 10.06
CA GLU A 197 5.55 1.74 10.14
C GLU A 197 4.97 1.81 11.58
N GLN A 198 5.84 1.66 12.57
CA GLN A 198 5.40 1.69 13.97
C GLN A 198 4.70 3.00 14.28
N ALA A 199 5.25 4.11 13.78
CA ALA A 199 4.69 5.43 14.10
C ALA A 199 3.28 5.66 13.55
N VAL A 200 3.09 5.38 12.26
CA VAL A 200 1.78 5.52 11.64
C VAL A 200 0.74 4.55 12.25
N VAL A 201 1.16 3.32 12.54
CA VAL A 201 0.26 2.33 13.13
C VAL A 201 -0.17 2.79 14.56
N LYS A 202 0.80 3.17 15.37
CA LYS A 202 0.49 3.69 16.71
C LYS A 202 -0.40 4.90 16.69
N LYS A 203 -0.20 5.75 15.68
CA LYS A 203 -0.96 6.98 15.60
C LYS A 203 -2.46 6.76 15.33
N HIS A 204 -2.80 5.79 14.47
CA HIS A 204 -4.15 5.78 13.89
C HIS A 204 -5.03 4.56 14.17
N PHE A 205 -4.40 3.43 14.46
CA PHE A 205 -5.13 2.16 14.47
C PHE A 205 -5.24 1.55 15.85
N ASN A 206 -6.16 0.61 15.99
CA ASN A 206 -6.26 -0.12 17.25
C ASN A 206 -6.49 -1.63 17.06
N HIS A 207 -6.13 -2.14 15.89
CA HIS A 207 -6.43 -3.54 15.50
C HIS A 207 -5.49 -3.86 14.34
N LEU A 208 -4.97 -5.08 14.29
CA LEU A 208 -3.91 -5.40 13.35
C LEU A 208 -4.18 -6.74 12.74
N THR A 209 -3.78 -6.90 11.49
CA THR A 209 -3.77 -8.22 10.85
C THR A 209 -2.35 -8.46 10.29
N ALA A 210 -1.79 -9.65 10.46
CA ALA A 210 -0.51 -10.00 9.79
C ALA A 210 -0.73 -10.25 8.31
N GLY A 211 0.06 -9.58 7.47
CA GLY A 211 -0.07 -9.72 6.01
C GLY A 211 0.23 -11.13 5.51
N ASN A 212 1.22 -11.80 6.10
CA ASN A 212 1.55 -13.18 5.67
C ASN A 212 1.87 -14.18 6.75
N ILE A 213 2.47 -13.75 7.87
CA ILE A 213 3.11 -14.76 8.75
C ILE A 213 2.19 -15.65 9.58
N MET A 214 0.89 -15.40 9.50
CA MET A 214 -0.07 -16.28 10.17
C MET A 214 -0.83 -17.14 9.17
N LYS A 215 -0.34 -17.17 7.92
CA LYS A 215 -0.90 -18.07 6.90
C LYS A 215 -0.37 -19.49 7.13
N MET A 216 -0.91 -20.47 6.40
CA MET A 216 -0.81 -21.87 6.84
C MET A 216 0.62 -22.42 6.90
N SER A 217 1.37 -22.27 5.80
CA SER A 217 2.72 -22.83 5.78
C SER A 217 3.71 -22.00 6.59
N TYR A 218 3.32 -20.77 6.93
CA TYR A 218 4.11 -19.96 7.86
C TYR A 218 3.92 -20.38 9.31
N MET A 219 2.75 -20.99 9.62
CA MET A 219 2.46 -21.46 10.98
C MET A 219 2.89 -22.91 11.17
N GLN A 220 2.70 -23.72 10.12
CA GLN A 220 3.11 -25.13 10.20
C GLN A 220 3.85 -25.50 8.92
N PRO A 221 5.13 -25.10 8.80
CA PRO A 221 5.88 -25.32 7.53
C PRO A 221 6.05 -26.78 7.13
N THR A 222 6.23 -27.66 8.12
CA THR A 222 6.33 -29.11 7.92
C THR A 222 5.48 -29.79 9.00
N GLU A 223 5.08 -31.01 8.72
CA GLU A 223 4.09 -31.69 9.54
C GLU A 223 4.56 -31.87 10.98
N GLY A 224 3.80 -31.26 11.89
CA GLY A 224 4.04 -31.38 13.31
C GLY A 224 4.98 -30.33 13.85
N ASN A 225 5.47 -29.45 12.98
CA ASN A 225 6.47 -28.49 13.44
C ASN A 225 5.85 -27.12 13.30
N PHE A 226 5.25 -26.64 14.39
CA PHE A 226 4.61 -25.34 14.37
C PHE A 226 5.63 -24.27 14.72
N ASN A 227 5.44 -23.10 14.16
CA ASN A 227 6.40 -22.00 14.31
C ASN A 227 5.69 -20.77 14.82
N PHE A 228 5.75 -20.54 16.14
CA PHE A 228 4.95 -19.45 16.71
C PHE A 228 5.79 -18.22 17.03
N THR A 229 7.11 -18.33 16.86
CA THR A 229 8.02 -17.29 17.36
C THR A 229 7.67 -15.91 16.81
N ASN A 230 7.65 -15.80 15.48
CA ASN A 230 7.53 -14.48 14.84
C ASN A 230 6.12 -13.92 15.00
N ALA A 231 5.12 -14.79 14.90
CA ALA A 231 3.77 -14.30 15.10
C ALA A 231 3.51 -13.95 16.57
N ASP A 232 4.15 -14.64 17.52
CA ASP A 232 4.03 -14.28 18.95
C ASP A 232 4.65 -12.92 19.21
N ALA A 233 5.80 -12.66 18.58
CA ALA A 233 6.46 -11.34 18.71
C ALA A 233 5.54 -10.20 18.20
N PHE A 234 4.92 -10.42 17.04
CA PHE A 234 3.86 -9.55 16.54
C PHE A 234 2.67 -9.35 17.54
N VAL A 235 2.06 -10.45 17.98
CA VAL A 235 0.99 -10.34 18.99
C VAL A 235 1.47 -9.59 20.25
N ASP A 236 2.69 -9.82 20.70
CA ASP A 236 3.19 -9.12 21.88
C ASP A 236 3.23 -7.60 21.66
N TRP A 237 3.64 -7.18 20.49
CA TRP A 237 3.77 -5.75 20.18
C TRP A 237 2.34 -5.14 20.13
N ALA A 238 1.40 -5.85 19.53
CA ALA A 238 0.00 -5.40 19.51
C ALA A 238 -0.50 -5.20 20.94
N THR A 239 -0.23 -6.19 21.77
CA THR A 239 -0.64 -6.15 23.18
C THR A 239 -0.01 -4.96 23.88
N GLU A 240 1.30 -4.78 23.70
CA GLU A 240 2.04 -3.64 24.28
C GLU A 240 1.43 -2.31 23.87
N ASN A 241 0.88 -2.27 22.66
CA ASN A 241 0.30 -1.07 22.13
C ASN A 241 -1.24 -0.96 22.17
N ASN A 242 -1.88 -1.81 22.99
CA ASN A 242 -3.34 -1.80 23.17
C ASN A 242 -4.13 -2.00 21.88
N MET A 243 -3.62 -2.89 21.02
CA MET A 243 -4.29 -3.24 19.78
C MET A 243 -4.60 -4.71 19.77
N THR A 244 -5.79 -5.07 19.29
CA THR A 244 -6.14 -6.48 19.19
C THR A 244 -5.74 -7.03 17.83
N VAL A 245 -5.74 -8.35 17.73
CA VAL A 245 -5.24 -9.00 16.51
C VAL A 245 -6.33 -9.84 15.89
N HIS A 246 -6.48 -9.66 14.57
CA HIS A 246 -7.34 -10.52 13.74
C HIS A 246 -6.37 -11.53 13.11
N GLY A 247 -6.66 -12.81 13.29
CA GLY A 247 -5.83 -13.88 12.75
C GLY A 247 -6.17 -14.18 11.30
N HIS A 248 -5.16 -14.24 10.45
CA HIS A 248 -5.35 -14.44 9.00
C HIS A 248 -4.28 -15.45 8.53
N ALA A 249 -4.63 -16.69 8.14
CA ALA A 249 -6.00 -17.24 8.06
C ALA A 249 -5.78 -18.75 8.32
N LEU A 250 -6.78 -19.41 8.88
CA LEU A 250 -6.55 -20.80 9.27
C LEU A 250 -6.49 -21.72 8.06
N VAL A 251 -7.40 -21.49 7.12
CA VAL A 251 -7.49 -22.34 5.91
C VAL A 251 -7.59 -21.47 4.68
N TRP A 252 -6.72 -21.70 3.71
CA TRP A 252 -6.75 -20.90 2.48
C TRP A 252 -6.01 -21.67 1.39
N HIS A 253 -6.60 -21.76 0.19
CA HIS A 253 -6.12 -22.67 -0.89
C HIS A 253 -4.89 -22.12 -1.62
N SER A 254 -4.58 -20.83 -1.42
CA SER A 254 -3.54 -20.23 -2.25
C SER A 254 -2.22 -21.02 -2.13
N ASP A 255 -1.74 -21.54 -3.25
CA ASP A 255 -0.67 -22.55 -3.28
C ASP A 255 0.60 -22.19 -2.53
N TYR A 256 1.04 -20.92 -2.66
CA TYR A 256 2.31 -20.53 -2.02
C TYR A 256 2.35 -20.69 -0.51
N GLN A 257 1.19 -20.72 0.16
CA GLN A 257 1.14 -20.89 1.61
C GLN A 257 0.39 -22.16 2.07
N VAL A 258 0.11 -23.08 1.17
CA VAL A 258 -0.41 -24.38 1.61
C VAL A 258 0.80 -25.19 2.09
N PRO A 259 0.80 -25.75 3.32
CA PRO A 259 1.96 -26.56 3.74
C PRO A 259 2.26 -27.65 2.71
N ASN A 260 3.54 -27.86 2.38
CA ASN A 260 3.92 -28.82 1.36
C ASN A 260 3.31 -30.20 1.66
N PHE A 261 3.27 -30.60 2.93
CA PHE A 261 2.77 -31.94 3.29
C PHE A 261 1.28 -32.11 3.01
N MET A 262 0.55 -30.99 3.01
CA MET A 262 -0.88 -30.93 2.67
C MET A 262 -1.06 -30.93 1.14
N LYS A 263 -0.34 -30.04 0.46
CA LYS A 263 -0.34 -29.98 -1.01
C LYS A 263 -0.06 -31.34 -1.64
N ASN A 264 0.86 -32.06 -1.03
CA ASN A 264 1.35 -33.30 -1.54
C ASN A 264 0.80 -34.51 -0.80
N TRP A 265 -0.33 -34.32 -0.11
CA TRP A 265 -0.93 -35.38 0.71
C TRP A 265 -1.15 -36.63 -0.12
N ALA A 266 -0.75 -37.77 0.45
CA ALA A 266 -0.82 -39.06 -0.24
C ALA A 266 -1.55 -40.12 0.58
N GLY A 267 -2.15 -39.71 1.69
CA GLY A 267 -2.94 -40.57 2.54
C GLY A 267 -4.43 -40.53 2.21
N SER A 268 -5.26 -40.97 3.13
CA SER A 268 -6.70 -40.99 2.89
C SER A 268 -7.29 -39.62 3.14
N ALA A 269 -8.52 -39.43 2.64
CA ALA A 269 -9.31 -38.23 2.84
C ALA A 269 -9.58 -37.95 4.32
N GLU A 270 -9.97 -38.97 5.07
CA GLU A 270 -10.23 -38.74 6.51
C GLU A 270 -8.95 -38.37 7.25
N ASP A 271 -7.80 -38.96 6.89
CA ASP A 271 -6.59 -38.61 7.61
C ASP A 271 -6.12 -37.20 7.25
N PHE A 272 -6.36 -36.79 6.00
CA PHE A 272 -6.14 -35.41 5.61
C PHE A 272 -6.99 -34.46 6.45
N LEU A 273 -8.28 -34.78 6.55
CA LEU A 273 -9.18 -33.94 7.35
C LEU A 273 -8.77 -33.87 8.83
N ALA A 274 -8.29 -34.99 9.34
CA ALA A 274 -7.72 -35.06 10.71
C ALA A 274 -6.45 -34.19 10.84
N ALA A 275 -5.62 -34.16 9.79
CA ALA A 275 -4.45 -33.23 9.77
C ALA A 275 -4.87 -31.76 9.75
N LEU A 276 -5.90 -31.46 8.96
CA LEU A 276 -6.43 -30.10 8.94
C LEU A 276 -6.97 -29.73 10.34
N ASP A 277 -7.69 -30.64 10.99
CA ASP A 277 -8.13 -30.37 12.37
C ASP A 277 -6.96 -30.07 13.30
N THR A 278 -5.89 -30.84 13.19
CA THR A 278 -4.75 -30.68 14.09
C THR A 278 -4.12 -29.29 13.87
N HIS A 279 -4.05 -28.87 12.61
CA HIS A 279 -3.47 -27.57 12.24
C HIS A 279 -4.27 -26.46 12.93
N ILE A 280 -5.58 -26.54 12.81
CA ILE A 280 -6.48 -25.50 13.34
C ILE A 280 -6.50 -25.55 14.86
N THR A 281 -6.64 -26.72 15.44
CA THR A 281 -6.71 -26.80 16.89
C THR A 281 -5.43 -26.28 17.55
N THR A 282 -4.27 -26.65 17.02
CA THR A 282 -2.99 -26.25 17.61
C THR A 282 -2.82 -24.75 17.59
N ILE A 283 -3.13 -24.15 16.45
CA ILE A 283 -2.97 -22.71 16.30
C ILE A 283 -4.02 -21.93 17.14
N VAL A 284 -5.29 -22.34 17.07
CA VAL A 284 -6.32 -21.60 17.79
C VAL A 284 -6.08 -21.69 19.30
N ASP A 285 -5.78 -22.89 19.79
CA ASP A 285 -5.47 -23.13 21.21
C ASP A 285 -4.30 -22.26 21.63
N HIS A 286 -3.25 -22.25 20.80
CA HIS A 286 -2.07 -21.45 21.15
C HIS A 286 -2.42 -19.95 21.28
N TYR A 287 -3.12 -19.40 20.29
CA TYR A 287 -3.46 -17.97 20.36
C TYR A 287 -4.52 -17.61 21.41
N GLU A 288 -5.41 -18.54 21.73
CA GLU A 288 -6.31 -18.36 22.87
C GLU A 288 -5.46 -18.13 24.12
N ALA A 289 -4.43 -18.96 24.29
CA ALA A 289 -3.61 -18.87 25.50
C ALA A 289 -2.72 -17.62 25.51
N LYS A 290 -2.27 -17.19 24.32
CA LYS A 290 -1.46 -15.96 24.20
C LYS A 290 -2.22 -14.69 24.63
N GLY A 291 -3.53 -14.67 24.36
CA GLY A 291 -4.39 -13.52 24.61
C GLY A 291 -4.33 -12.53 23.46
N ASN A 292 -5.34 -11.66 23.35
CA ASN A 292 -5.34 -10.55 22.41
C ASN A 292 -5.61 -10.89 20.94
N LEU A 293 -5.97 -12.13 20.67
CA LEU A 293 -6.34 -12.56 19.33
C LEU A 293 -7.85 -12.77 19.37
N VAL A 294 -8.58 -11.86 18.74
CA VAL A 294 -10.00 -11.75 19.01
C VAL A 294 -10.90 -12.41 17.97
N SER A 295 -10.36 -12.67 16.78
CA SER A 295 -11.19 -13.15 15.67
C SER A 295 -10.24 -13.85 14.67
N TRP A 296 -10.76 -14.82 13.92
CA TRP A 296 -10.00 -15.49 12.84
C TRP A 296 -10.75 -15.42 11.53
N ASP A 297 -10.01 -15.25 10.45
CA ASP A 297 -10.48 -15.73 9.15
C ASP A 297 -10.26 -17.26 9.24
N VAL A 298 -11.35 -17.99 9.47
CA VAL A 298 -11.26 -19.46 9.60
C VAL A 298 -11.03 -20.04 8.23
N VAL A 299 -11.89 -19.66 7.27
CA VAL A 299 -11.70 -20.11 5.88
C VAL A 299 -11.71 -18.87 5.01
N ASN A 300 -10.71 -18.79 4.15
CA ASN A 300 -10.51 -17.66 3.26
C ASN A 300 -10.69 -18.14 1.80
N GLU A 301 -11.59 -17.47 1.07
CA GLU A 301 -11.67 -17.60 -0.38
C GLU A 301 -11.98 -19.01 -0.87
N ALA A 302 -12.96 -19.66 -0.24
CA ALA A 302 -13.37 -21.02 -0.67
C ALA A 302 -14.29 -21.06 -1.91
N ILE A 303 -14.81 -19.90 -2.30
CA ILE A 303 -15.76 -19.82 -3.41
C ILE A 303 -15.05 -19.37 -4.67
N ASP A 304 -15.44 -19.97 -5.81
CA ASP A 304 -14.79 -19.65 -7.07
C ASP A 304 -15.28 -18.29 -7.63
N ASP A 305 -14.66 -17.87 -8.75
CA ASP A 305 -14.97 -16.61 -9.41
C ASP A 305 -15.88 -16.79 -10.64
N ASN A 306 -16.65 -17.89 -10.67
CA ASN A 306 -17.51 -18.17 -11.81
C ASN A 306 -18.93 -17.69 -11.54
N SER A 307 -19.76 -17.67 -12.58
CA SER A 307 -21.16 -17.25 -12.44
C SER A 307 -22.04 -18.28 -13.17
N PRO A 308 -22.88 -19.05 -12.48
CA PRO A 308 -23.00 -19.07 -11.02
C PRO A 308 -21.73 -19.54 -10.31
N ALA A 309 -21.64 -19.19 -9.04
CA ALA A 309 -20.48 -19.49 -8.20
C ALA A 309 -20.63 -20.83 -7.49
N ASN A 310 -19.52 -21.54 -7.36
CA ASN A 310 -19.49 -22.82 -6.62
C ASN A 310 -18.26 -22.83 -5.75
N PHE A 311 -18.22 -23.71 -4.73
CA PHE A 311 -16.96 -23.85 -4.00
C PHE A 311 -15.85 -24.30 -4.94
N ARG A 312 -14.62 -23.86 -4.66
CA ARG A 312 -13.45 -24.20 -5.49
C ARG A 312 -13.27 -25.71 -5.52
N THR A 313 -12.86 -26.22 -6.69
CA THR A 313 -12.56 -27.65 -6.81
C THR A 313 -11.06 -27.90 -7.08
N THR A 314 -10.69 -27.99 -8.35
CA THR A 314 -9.35 -28.49 -8.72
C THR A 314 -8.24 -27.55 -8.32
N ASP A 315 -8.56 -26.30 -8.06
CA ASP A 315 -7.55 -25.34 -7.65
C ASP A 315 -7.43 -25.26 -6.12
N SER A 316 -8.14 -26.14 -5.40
CA SER A 316 -8.02 -26.18 -3.96
C SER A 316 -7.53 -27.54 -3.41
N ALA A 317 -6.35 -27.53 -2.78
CA ALA A 317 -5.81 -28.76 -2.17
C ALA A 317 -6.83 -29.27 -1.15
N PHE A 318 -7.53 -28.35 -0.48
CA PHE A 318 -8.53 -28.78 0.50
C PHE A 318 -9.68 -29.61 -0.10
N TYR A 319 -10.24 -29.16 -1.20
CA TYR A 319 -11.28 -29.95 -1.90
C TYR A 319 -10.74 -31.32 -2.35
N VAL A 320 -9.59 -31.29 -3.04
CA VAL A 320 -9.01 -32.47 -3.69
C VAL A 320 -8.57 -33.49 -2.64
N LYS A 321 -7.84 -33.01 -1.62
CA LYS A 321 -7.26 -33.93 -0.63
C LYS A 321 -8.28 -34.40 0.42
N SER A 322 -9.42 -33.73 0.49
CA SER A 322 -10.54 -34.19 1.31
C SER A 322 -11.38 -35.22 0.54
N GLY A 323 -10.90 -35.61 -0.65
CA GLY A 323 -11.59 -36.58 -1.50
C GLY A 323 -12.62 -35.91 -2.40
N ASN A 324 -12.28 -34.78 -3.02
CA ASN A 324 -13.23 -34.01 -3.81
C ASN A 324 -14.49 -33.64 -3.03
N SER A 325 -14.28 -32.90 -1.94
CA SER A 325 -15.37 -32.56 -1.02
C SER A 325 -15.14 -31.20 -0.43
N SER A 326 -16.23 -30.43 -0.23
CA SER A 326 -16.12 -29.17 0.50
C SER A 326 -16.53 -29.31 1.97
N VAL A 327 -16.60 -30.54 2.47
CA VAL A 327 -16.86 -30.72 3.89
C VAL A 327 -15.80 -30.08 4.78
N TYR A 328 -14.58 -29.88 4.26
CA TYR A 328 -13.53 -29.24 5.08
C TYR A 328 -13.93 -27.84 5.57
N ILE A 329 -14.82 -27.15 4.85
CA ILE A 329 -15.19 -25.78 5.22
C ILE A 329 -15.94 -25.81 6.55
N GLU A 330 -17.06 -26.56 6.59
CA GLU A 330 -17.84 -26.61 7.82
C GLU A 330 -17.00 -27.21 8.95
N ARG A 331 -16.18 -28.20 8.61
CA ARG A 331 -15.36 -28.85 9.61
C ARG A 331 -14.36 -27.87 10.26
N ALA A 332 -13.79 -27.00 9.45
CA ALA A 332 -12.85 -26.04 10.00
C ALA A 332 -13.53 -25.12 11.03
N PHE A 333 -14.76 -24.68 10.71
CA PHE A 333 -15.51 -23.88 11.65
C PHE A 333 -15.80 -24.63 12.93
N GLN A 334 -16.25 -25.89 12.83
CA GLN A 334 -16.53 -26.67 14.02
C GLN A 334 -15.26 -26.85 14.87
N THR A 335 -14.13 -27.14 14.20
CA THR A 335 -12.90 -27.39 14.91
C THR A 335 -12.39 -26.12 15.61
N ALA A 336 -12.47 -24.99 14.91
CA ALA A 336 -12.05 -23.73 15.51
C ALA A 336 -12.93 -23.36 16.72
N ARG A 337 -14.25 -23.55 16.59
CA ARG A 337 -15.14 -23.23 17.70
C ARG A 337 -14.81 -24.07 18.94
N ALA A 338 -14.58 -25.37 18.74
CA ALA A 338 -14.21 -26.28 19.84
C ALA A 338 -12.92 -25.85 20.52
N ALA A 339 -11.95 -25.36 19.73
CA ALA A 339 -10.64 -24.99 20.26
C ALA A 339 -10.66 -23.70 21.10
N ASP A 340 -11.45 -22.71 20.70
CA ASP A 340 -11.64 -21.50 21.52
C ASP A 340 -13.07 -20.99 21.26
N PRO A 341 -13.99 -21.35 22.15
CA PRO A 341 -15.41 -20.97 21.98
C PRO A 341 -15.66 -19.46 22.00
N ALA A 342 -14.72 -18.67 22.51
CA ALA A 342 -14.88 -17.18 22.58
C ALA A 342 -14.35 -16.40 21.39
N VAL A 343 -13.55 -17.03 20.53
CA VAL A 343 -12.90 -16.30 19.45
C VAL A 343 -13.97 -16.17 18.34
N ILE A 344 -13.96 -15.04 17.64
CA ILE A 344 -14.98 -14.76 16.63
C ILE A 344 -14.57 -15.38 15.30
N LEU A 345 -15.45 -16.21 14.73
CA LEU A 345 -15.16 -16.99 13.51
C LEU A 345 -15.73 -16.36 12.24
N TYR A 346 -14.83 -15.98 11.31
CA TYR A 346 -15.23 -15.36 10.04
C TYR A 346 -14.99 -16.30 8.86
N TYR A 347 -15.89 -16.19 7.87
CA TYR A 347 -15.61 -16.64 6.51
C TYR A 347 -15.20 -15.35 5.77
N ASN A 348 -14.05 -15.35 5.09
CA ASN A 348 -13.51 -14.12 4.47
C ASN A 348 -13.38 -14.31 2.94
N ASP A 349 -13.75 -13.28 2.16
CA ASP A 349 -13.67 -13.41 0.69
C ASP A 349 -13.65 -12.09 -0.04
N TYR A 350 -13.16 -12.11 -1.29
CA TYR A 350 -13.19 -10.93 -2.19
C TYR A 350 -14.35 -11.07 -3.18
N ASN A 351 -14.79 -9.95 -3.75
CA ASN A 351 -15.92 -9.90 -4.71
C ASN A 351 -17.32 -10.22 -4.20
N ILE A 352 -17.42 -10.63 -2.93
CA ILE A 352 -18.71 -10.86 -2.31
C ILE A 352 -19.48 -9.58 -1.99
N GLU A 353 -18.80 -8.44 -2.14
CA GLU A 353 -19.46 -7.12 -2.07
C GLU A 353 -20.12 -6.69 -3.38
N GLN A 354 -19.85 -7.41 -4.46
CA GLN A 354 -20.41 -7.05 -5.76
C GLN A 354 -21.90 -7.29 -5.92
N ASN A 355 -22.45 -8.16 -5.07
CA ASN A 355 -23.87 -8.46 -5.05
C ASN A 355 -24.37 -9.28 -6.25
N ASN A 356 -23.48 -10.09 -6.81
CA ASN A 356 -23.85 -10.93 -7.94
C ASN A 356 -23.66 -12.40 -7.57
N ALA A 357 -23.06 -13.22 -8.44
CA ALA A 357 -23.08 -14.68 -8.18
C ALA A 357 -22.31 -15.10 -6.91
N LYS A 358 -21.14 -14.49 -6.70
CA LYS A 358 -20.31 -14.85 -5.54
C LYS A 358 -21.03 -14.52 -4.21
N THR A 359 -21.66 -13.34 -4.15
CA THR A 359 -22.50 -12.96 -3.01
C THR A 359 -23.59 -14.02 -2.76
N THR A 360 -24.26 -14.44 -3.83
CA THR A 360 -25.34 -15.44 -3.67
C THR A 360 -24.83 -16.74 -3.07
N LYS A 361 -23.70 -17.22 -3.58
CA LYS A 361 -23.17 -18.50 -3.06
C LYS A 361 -22.74 -18.34 -1.59
N MET A 362 -22.13 -17.20 -1.27
CA MET A 362 -21.75 -16.92 0.12
C MET A 362 -22.98 -16.94 1.05
N VAL A 363 -24.06 -16.29 0.63
CA VAL A 363 -25.29 -16.24 1.43
C VAL A 363 -25.88 -17.62 1.55
N ASP A 364 -25.89 -18.37 0.45
CA ASP A 364 -26.41 -19.73 0.53
C ASP A 364 -25.60 -20.59 1.48
N MET A 365 -24.29 -20.41 1.49
CA MET A 365 -23.43 -21.15 2.43
C MET A 365 -23.77 -20.77 3.87
N VAL A 366 -23.86 -19.47 4.15
CA VAL A 366 -24.21 -19.04 5.50
C VAL A 366 -25.56 -19.61 5.97
N LYS A 367 -26.57 -19.55 5.09
CA LYS A 367 -27.88 -20.12 5.43
C LYS A 367 -27.82 -21.60 5.69
N ASP A 368 -27.03 -22.31 4.88
CA ASP A 368 -26.87 -23.77 5.06
C ASP A 368 -26.19 -24.06 6.42
N PHE A 369 -25.15 -23.30 6.73
CA PHE A 369 -24.46 -23.47 8.01
C PHE A 369 -25.41 -23.23 9.19
N GLN A 370 -26.21 -22.19 9.09
CA GLN A 370 -27.18 -21.88 10.15
C GLN A 370 -28.20 -22.98 10.30
N ALA A 371 -28.65 -23.52 9.17
CA ALA A 371 -29.67 -24.55 9.22
C ALA A 371 -29.11 -25.82 9.84
N ARG A 372 -27.82 -26.06 9.65
CA ARG A 372 -27.18 -27.30 10.12
C ARG A 372 -26.31 -27.14 11.40
N SER A 373 -26.46 -25.99 12.07
CA SER A 373 -25.77 -25.67 13.33
C SER A 373 -24.25 -25.68 13.19
N ILE A 374 -23.76 -25.30 12.01
CA ILE A 374 -22.32 -25.12 11.82
C ILE A 374 -21.97 -23.72 12.35
N PRO A 375 -21.02 -23.60 13.28
CA PRO A 375 -20.73 -22.30 13.90
C PRO A 375 -20.11 -21.35 12.89
N ILE A 376 -20.66 -20.15 12.84
CA ILE A 376 -20.03 -19.07 12.07
C ILE A 376 -20.58 -17.81 12.64
N ASP A 377 -19.69 -16.87 12.94
CA ASP A 377 -20.12 -15.64 13.64
C ASP A 377 -20.18 -14.43 12.72
N GLY A 378 -19.48 -14.46 11.59
CA GLY A 378 -19.36 -13.22 10.82
C GLY A 378 -18.89 -13.48 9.41
N VAL A 379 -19.07 -12.48 8.54
CA VAL A 379 -18.52 -12.58 7.20
C VAL A 379 -17.55 -11.41 6.99
N GLY A 380 -16.34 -11.73 6.49
CA GLY A 380 -15.30 -10.74 6.21
C GLY A 380 -15.41 -10.37 4.73
N PHE A 381 -15.68 -9.10 4.44
CA PHE A 381 -15.66 -8.59 3.08
C PHE A 381 -14.29 -7.95 2.94
N GLN A 382 -13.43 -8.57 2.14
CA GLN A 382 -12.10 -8.04 1.91
C GLN A 382 -12.23 -6.65 1.38
N MET A 383 -13.17 -6.43 0.45
CA MET A 383 -13.42 -5.04 -0.04
C MET A 383 -12.24 -4.43 -0.80
N HIS A 384 -11.66 -5.22 -1.72
CA HIS A 384 -10.66 -4.71 -2.65
C HIS A 384 -11.43 -4.09 -3.80
N VAL A 385 -11.81 -2.83 -3.66
CA VAL A 385 -12.69 -2.20 -4.65
C VAL A 385 -11.96 -1.30 -5.62
N CYS A 386 -12.60 -1.02 -6.75
CA CYS A 386 -12.14 0.03 -7.65
C CYS A 386 -12.75 1.38 -7.31
N MET A 387 -12.32 2.39 -8.03
CA MET A 387 -12.76 3.74 -7.77
C MET A 387 -14.28 3.89 -7.99
N ASN A 388 -14.82 3.22 -9.02
CA ASN A 388 -16.20 3.43 -9.46
C ASN A 388 -16.99 2.13 -9.56
N TYR A 389 -16.40 1.04 -9.08
CA TYR A 389 -17.07 -0.27 -9.15
C TYR A 389 -16.58 -1.10 -7.99
N PRO A 390 -17.45 -1.89 -7.33
CA PRO A 390 -18.90 -1.95 -7.55
C PRO A 390 -19.64 -0.72 -6.91
N SER A 391 -20.93 -0.59 -7.19
CA SER A 391 -21.69 0.59 -6.72
C SER A 391 -21.90 0.49 -5.22
N ILE A 392 -22.13 1.65 -4.61
CA ILE A 392 -22.43 1.65 -3.18
C ILE A 392 -23.74 0.92 -2.93
N ALA A 393 -24.72 1.07 -3.84
CA ALA A 393 -25.97 0.29 -3.67
C ALA A 393 -25.72 -1.22 -3.59
N ASN A 394 -24.83 -1.72 -4.46
CA ASN A 394 -24.57 -3.16 -4.43
C ASN A 394 -23.77 -3.63 -3.21
N ILE A 395 -22.76 -2.85 -2.84
CA ILE A 395 -21.95 -3.16 -1.64
C ILE A 395 -22.86 -3.18 -0.40
N SER A 396 -23.72 -2.17 -0.30
CA SER A 396 -24.65 -2.07 0.84
C SER A 396 -25.61 -3.25 0.84
N ALA A 397 -26.14 -3.61 -0.32
CA ALA A 397 -27.10 -4.71 -0.38
C ALA A 397 -26.46 -6.02 0.02
N ALA A 398 -25.19 -6.21 -0.41
CA ALA A 398 -24.45 -7.42 -0.11
C ALA A 398 -24.16 -7.53 1.39
N MET A 399 -23.74 -6.42 2.01
CA MET A 399 -23.52 -6.45 3.47
C MET A 399 -24.84 -6.68 4.22
N LYS A 400 -25.92 -6.04 3.76
CA LYS A 400 -27.23 -6.18 4.45
C LYS A 400 -27.71 -7.62 4.44
N LYS A 401 -27.45 -8.37 3.36
CA LYS A 401 -27.81 -9.82 3.36
C LYS A 401 -27.18 -10.57 4.53
N VAL A 402 -25.98 -10.16 4.93
CA VAL A 402 -25.32 -10.81 6.06
C VAL A 402 -25.85 -10.28 7.39
N VAL A 403 -26.03 -8.96 7.47
CA VAL A 403 -26.71 -8.36 8.63
C VAL A 403 -28.03 -9.07 8.96
N ASP A 404 -28.85 -9.32 7.94
CA ASP A 404 -30.20 -9.86 8.15
C ASP A 404 -30.16 -11.34 8.60
N LEU A 405 -29.00 -11.98 8.46
CA LEU A 405 -28.81 -13.33 9.00
C LEU A 405 -28.27 -13.28 10.43
N GLY A 406 -28.12 -12.06 10.97
CA GLY A 406 -27.78 -11.88 12.38
C GLY A 406 -26.30 -11.97 12.70
N LEU A 407 -25.44 -11.92 11.67
CA LEU A 407 -24.01 -12.12 11.85
C LEU A 407 -23.27 -10.79 11.83
N LEU A 408 -22.02 -10.83 12.25
CA LEU A 408 -21.14 -9.67 12.15
C LEU A 408 -20.70 -9.44 10.69
N VAL A 409 -20.44 -8.18 10.36
CA VAL A 409 -19.94 -7.81 9.05
C VAL A 409 -18.67 -7.06 9.35
N LYS A 410 -17.57 -7.51 8.75
CA LYS A 410 -16.26 -6.92 9.01
C LYS A 410 -15.64 -6.64 7.67
N ILE A 411 -15.13 -5.43 7.50
CA ILE A 411 -14.34 -5.10 6.31
C ILE A 411 -12.88 -5.42 6.70
N THR A 412 -12.28 -6.39 6.02
CA THR A 412 -10.99 -6.97 6.44
C THR A 412 -9.78 -6.48 5.70
N GLU A 413 -9.94 -6.06 4.43
CA GLU A 413 -8.78 -5.80 3.59
C GLU A 413 -8.97 -4.60 2.65
N LEU A 414 -9.63 -3.58 3.15
CA LEU A 414 -10.08 -2.51 2.27
C LEU A 414 -8.89 -1.82 1.57
N ASP A 415 -8.97 -1.66 0.26
CA ASP A 415 -8.14 -0.69 -0.45
C ASP A 415 -8.89 -0.21 -1.68
N VAL A 416 -8.42 0.88 -2.29
CA VAL A 416 -9.17 1.53 -3.34
C VAL A 416 -8.20 1.87 -4.46
N ALA A 417 -8.13 1.00 -5.47
CA ALA A 417 -7.13 1.10 -6.53
C ALA A 417 -7.38 2.31 -7.40
N VAL A 418 -6.34 3.10 -7.68
CA VAL A 418 -6.48 4.22 -8.60
C VAL A 418 -6.50 3.69 -10.05
N ASN A 419 -5.58 2.76 -10.34
CA ASN A 419 -5.61 1.94 -11.56
C ASN A 419 -5.72 0.48 -11.16
N GLN A 420 -6.50 -0.27 -11.94
CA GLN A 420 -6.81 -1.66 -11.64
C GLN A 420 -7.22 -2.20 -13.01
N PRO A 421 -6.56 -3.24 -13.49
CA PRO A 421 -6.74 -3.67 -14.88
C PRO A 421 -8.17 -4.11 -15.22
N HIS A 422 -9.00 -4.38 -14.21
CA HIS A 422 -10.36 -4.88 -14.44
C HIS A 422 -11.38 -3.78 -14.30
N CYS A 423 -10.90 -2.53 -14.19
CA CYS A 423 -11.79 -1.42 -13.93
C CYS A 423 -11.49 -0.21 -14.80
N ASP A 424 -12.55 0.55 -15.07
CA ASP A 424 -12.51 1.76 -15.89
C ASP A 424 -11.79 1.57 -17.22
N ALA A 425 -12.07 0.44 -17.85
CA ALA A 425 -11.54 0.12 -19.19
C ALA A 425 -10.02 0.27 -19.27
N TYR A 426 -9.31 -0.13 -18.21
CA TYR A 426 -7.83 -0.07 -18.23
C TYR A 426 -7.26 -0.79 -19.47
N PRO A 427 -6.19 -0.27 -20.10
CA PRO A 427 -5.51 0.98 -19.71
C PRO A 427 -5.99 2.23 -20.44
N ALA A 428 -7.21 2.23 -20.98
CA ALA A 428 -7.65 3.36 -21.80
C ALA A 428 -7.61 4.68 -21.05
N ASN A 429 -7.83 4.64 -19.74
CA ASN A 429 -7.94 5.87 -18.97
C ASN A 429 -6.89 5.86 -17.85
N LYS A 430 -5.78 5.17 -18.12
CA LYS A 430 -4.69 5.02 -17.13
C LYS A 430 -4.26 6.39 -16.56
N ILE A 431 -4.10 6.43 -15.24
CA ILE A 431 -3.67 7.62 -14.50
C ILE A 431 -2.22 7.39 -14.07
N ASN A 432 -1.30 8.13 -14.67
CA ASN A 432 0.11 7.98 -14.35
C ASN A 432 0.87 9.18 -14.91
N PRO A 433 1.57 9.97 -14.07
CA PRO A 433 1.63 9.84 -12.61
C PRO A 433 0.32 10.14 -11.89
N LEU A 434 0.32 9.89 -10.57
CA LEU A 434 -0.85 10.17 -9.75
C LEU A 434 -1.18 11.66 -9.78
N THR A 435 -2.46 11.99 -9.90
CA THR A 435 -2.92 13.38 -9.96
C THR A 435 -3.71 13.73 -8.71
N GLU A 436 -3.91 15.04 -8.56
CA GLU A 436 -4.74 15.55 -7.49
C GLU A 436 -6.21 15.10 -7.68
N ALA A 437 -6.71 15.13 -8.92
CA ALA A 437 -8.06 14.66 -9.21
C ALA A 437 -8.29 13.20 -8.74
N ALA A 438 -7.35 12.30 -9.03
CA ALA A 438 -7.47 10.90 -8.60
C ALA A 438 -7.41 10.78 -7.08
N GLN A 439 -6.54 11.56 -6.42
CA GLN A 439 -6.48 11.54 -4.95
C GLN A 439 -7.78 12.03 -4.32
N LEU A 440 -8.44 12.98 -4.97
CA LEU A 440 -9.72 13.47 -4.46
C LEU A 440 -10.86 12.53 -4.79
N ALA A 441 -10.84 11.92 -5.99
CA ALA A 441 -11.79 10.83 -6.26
C ALA A 441 -11.65 9.73 -5.22
N GLN A 442 -10.41 9.40 -4.83
CA GLN A 442 -10.15 8.35 -3.83
C GLN A 442 -10.66 8.77 -2.44
N LYS A 443 -10.51 10.05 -2.10
CA LYS A 443 -11.11 10.56 -0.85
C LYS A 443 -12.62 10.26 -0.84
N LYS A 444 -13.31 10.64 -1.91
CA LYS A 444 -14.75 10.44 -1.94
C LYS A 444 -15.07 8.95 -1.84
N ARG A 445 -14.30 8.11 -2.53
CA ARG A 445 -14.60 6.68 -2.60
C ARG A 445 -14.41 6.04 -1.22
N TYR A 446 -13.30 6.34 -0.55
CA TYR A 446 -13.11 5.83 0.83
C TYR A 446 -14.27 6.27 1.73
N CYS A 447 -14.67 7.52 1.59
CA CYS A 447 -15.77 8.06 2.39
C CYS A 447 -17.04 7.27 2.08
N ASP A 448 -17.32 7.06 0.78
CA ASP A 448 -18.56 6.39 0.39
C ASP A 448 -18.63 4.96 0.97
N VAL A 449 -17.52 4.26 0.95
CA VAL A 449 -17.49 2.85 1.42
C VAL A 449 -17.65 2.75 2.94
N VAL A 450 -16.90 3.56 3.66
CA VAL A 450 -17.02 3.60 5.13
C VAL A 450 -18.44 4.02 5.54
N LYS A 451 -18.99 5.05 4.89
CA LYS A 451 -20.36 5.46 5.18
C LYS A 451 -21.35 4.32 4.92
N ALA A 452 -21.17 3.60 3.80
CA ALA A 452 -22.06 2.49 3.49
C ALA A 452 -22.01 1.45 4.60
N TYR A 453 -20.81 1.16 5.10
CA TYR A 453 -20.65 0.21 6.18
C TYR A 453 -21.45 0.67 7.43
N LEU A 454 -21.25 1.93 7.80
CA LEU A 454 -21.93 2.48 8.98
C LEU A 454 -23.44 2.49 8.78
N ASP A 455 -23.91 2.87 7.58
CA ASP A 455 -25.36 2.99 7.32
C ASP A 455 -26.03 1.59 7.31
N THR A 456 -25.27 0.57 6.94
CA THR A 456 -25.82 -0.77 6.75
C THR A 456 -25.72 -1.67 7.97
N VAL A 457 -24.63 -1.54 8.70
CA VAL A 457 -24.31 -2.50 9.76
C VAL A 457 -24.59 -1.87 11.14
N PRO A 458 -25.54 -2.46 11.87
CA PRO A 458 -25.85 -1.98 13.22
C PRO A 458 -24.65 -2.08 14.12
N VAL A 459 -24.60 -1.17 15.10
CA VAL A 459 -23.50 -1.08 16.08
C VAL A 459 -23.01 -2.43 16.55
N ASN A 460 -23.93 -3.28 17.01
CA ASN A 460 -23.46 -4.52 17.62
C ASN A 460 -23.09 -5.63 16.62
N GLN A 461 -23.28 -5.33 15.34
CA GLN A 461 -22.82 -6.23 14.30
C GLN A 461 -21.61 -5.74 13.58
N ARG A 462 -20.97 -4.67 14.09
CA ARG A 462 -19.79 -4.16 13.40
C ARG A 462 -18.52 -4.87 13.84
N GLY A 463 -17.97 -5.70 12.97
CA GLY A 463 -16.77 -6.48 13.30
C GLY A 463 -15.50 -5.67 13.08
N GLY A 464 -15.62 -4.52 12.44
CA GLY A 464 -14.47 -3.65 12.23
C GLY A 464 -14.23 -3.25 10.77
N ILE A 465 -13.45 -2.19 10.58
CA ILE A 465 -12.94 -1.89 9.26
C ILE A 465 -11.41 -1.85 9.31
N SER A 466 -10.75 -2.63 8.45
CA SER A 466 -9.30 -2.62 8.36
C SER A 466 -8.92 -2.34 6.92
N VAL A 467 -7.80 -1.63 6.74
CA VAL A 467 -7.22 -1.32 5.41
C VAL A 467 -6.00 -2.21 5.16
N TRP A 468 -5.83 -2.65 3.92
CA TRP A 468 -4.79 -3.66 3.64
C TRP A 468 -3.42 -3.03 3.37
N GLY A 469 -2.83 -2.40 4.39
CA GLY A 469 -1.49 -1.85 4.28
C GLY A 469 -1.50 -0.45 4.86
N THR A 470 -0.32 0.11 5.07
CA THR A 470 -0.13 1.45 5.60
C THR A 470 0.21 2.41 4.46
N THR A 471 1.40 2.23 3.91
CA THR A 471 1.91 3.13 2.88
C THR A 471 1.71 2.55 1.47
N ASP A 472 1.42 3.43 0.51
CA ASP A 472 1.40 3.09 -0.91
C ASP A 472 2.71 2.47 -1.38
N ALA A 473 3.81 2.67 -0.64
CA ALA A 473 5.10 2.13 -1.10
C ALA A 473 5.14 0.60 -1.05
N ASN A 474 4.21 0.04 -0.30
CA ASN A 474 4.20 -1.41 -0.10
C ASN A 474 2.80 -2.04 -0.19
N THR A 475 2.04 -1.70 -1.21
CA THR A 475 0.73 -2.36 -1.42
C THR A 475 0.86 -3.65 -2.18
N TRP A 476 0.11 -4.65 -1.77
CA TRP A 476 0.08 -5.91 -2.47
C TRP A 476 -0.38 -5.79 -3.93
N LEU A 477 -1.14 -4.73 -4.24
CA LEU A 477 -1.74 -4.60 -5.58
C LEU A 477 -0.73 -4.39 -6.68
N ASP A 478 0.37 -3.72 -6.34
CA ASP A 478 1.39 -3.43 -7.34
C ASP A 478 2.09 -4.73 -7.80
N GLY A 479 2.26 -5.68 -6.89
CA GLY A 479 2.82 -6.99 -7.22
C GLY A 479 1.81 -7.88 -7.92
N LEU A 480 0.56 -7.80 -7.48
CA LEU A 480 -0.53 -8.62 -8.06
C LEU A 480 -0.74 -8.25 -9.55
N TYR A 481 -0.72 -6.95 -9.87
CA TYR A 481 -0.95 -6.49 -11.23
C TYR A 481 0.31 -5.98 -11.93
N ARG A 482 1.46 -6.45 -11.48
CA ARG A 482 2.73 -6.01 -12.04
C ARG A 482 2.78 -6.18 -13.57
N GLU A 483 2.22 -7.27 -14.09
CA GLU A 483 2.26 -7.45 -15.54
C GLU A 483 1.45 -6.35 -16.24
N GLN A 484 0.20 -6.19 -15.82
CA GLN A 484 -0.69 -5.20 -16.45
C GLN A 484 -0.21 -3.76 -16.26
N PHE A 485 0.40 -3.52 -15.10
CA PHE A 485 1.01 -2.24 -14.71
C PHE A 485 2.40 -2.00 -15.32
N GLU A 486 2.90 -2.98 -16.09
CA GLU A 486 4.26 -2.91 -16.66
C GLU A 486 5.29 -2.59 -15.56
N ASP A 487 5.11 -3.21 -14.40
CA ASP A 487 6.10 -3.13 -13.31
C ASP A 487 6.15 -1.75 -12.64
N GLU A 488 5.18 -0.88 -12.95
CA GLU A 488 5.11 0.42 -12.28
C GLU A 488 4.18 0.34 -11.08
N LYS A 489 4.49 1.14 -10.07
CA LYS A 489 3.71 1.15 -8.83
C LYS A 489 2.60 2.17 -8.93
N ILE A 490 1.53 1.75 -9.59
CA ILE A 490 0.45 2.68 -9.95
C ILE A 490 -0.96 2.42 -9.39
N SER A 491 -1.09 1.55 -8.37
CA SER A 491 -2.41 1.36 -7.74
C SER A 491 -2.73 2.42 -6.68
N TRP A 492 -1.66 3.01 -6.10
CA TRP A 492 -1.76 4.01 -5.00
C TRP A 492 -3.04 3.92 -4.15
N PRO A 493 -3.26 2.77 -3.51
CA PRO A 493 -4.61 2.44 -3.01
C PRO A 493 -4.89 2.67 -1.50
N LEU A 494 -3.93 3.25 -0.79
CA LEU A 494 -4.00 3.27 0.67
C LEU A 494 -4.10 4.67 1.24
N LEU A 495 -4.08 4.77 2.58
CA LEU A 495 -4.35 6.05 3.22
C LEU A 495 -3.12 6.94 3.31
N PHE A 496 -1.92 6.38 3.18
CA PHE A 496 -0.69 7.20 3.34
C PHE A 496 0.19 7.03 2.11
N ASP A 497 0.93 8.06 1.76
CA ASP A 497 1.78 7.96 0.57
C ASP A 497 3.13 7.27 0.82
N ASN A 498 3.99 7.29 -0.21
CA ASN A 498 5.28 6.60 -0.16
C ASN A 498 6.21 7.13 0.94
N ASN A 499 5.98 8.37 1.36
CA ASN A 499 6.73 8.97 2.46
C ASN A 499 6.02 8.92 3.82
N TYR A 500 4.93 8.14 3.88
CA TYR A 500 4.10 8.00 5.09
C TYR A 500 3.29 9.27 5.45
N ASN A 501 3.25 10.22 4.53
CA ASN A 501 2.37 11.39 4.72
C ASN A 501 0.92 11.07 4.42
N ASP A 502 0.01 11.86 4.99
CA ASP A 502 -1.43 11.69 4.77
C ASP A 502 -1.78 11.87 3.29
N LYS A 503 -2.77 11.12 2.84
CA LYS A 503 -3.42 11.37 1.57
C LYS A 503 -4.85 11.82 1.83
N PRO A 504 -5.49 12.47 0.85
CA PRO A 504 -6.91 12.80 0.98
C PRO A 504 -7.76 11.57 1.29
N ALA A 505 -7.31 10.38 0.90
CA ALA A 505 -7.98 9.14 1.31
C ALA A 505 -8.25 9.08 2.83
N LEU A 506 -7.26 9.46 3.63
CA LEU A 506 -7.40 9.46 5.09
C LEU A 506 -8.51 10.43 5.57
N ARG A 507 -8.57 11.59 4.96
CA ARG A 507 -9.59 12.59 5.22
C ARG A 507 -10.99 12.07 4.85
N GLY A 508 -11.08 11.34 3.75
CA GLY A 508 -12.37 10.77 3.33
C GLY A 508 -12.84 9.73 4.34
N PHE A 509 -11.93 8.86 4.78
CA PHE A 509 -12.25 7.83 5.79
C PHE A 509 -12.77 8.52 7.09
N ALA A 510 -12.04 9.53 7.55
CA ALA A 510 -12.44 10.25 8.75
C ALA A 510 -13.78 10.95 8.56
N ASP A 511 -14.01 11.54 7.38
CA ASP A 511 -15.24 12.27 7.06
C ASP A 511 -16.44 11.32 7.23
N ALA A 512 -16.31 10.11 6.73
CA ALA A 512 -17.38 9.12 6.92
C ALA A 512 -17.65 8.83 8.42
N LEU A 513 -16.59 8.60 9.18
CA LEU A 513 -16.72 8.31 10.62
C LEU A 513 -17.43 9.46 11.38
N ILE A 514 -17.22 10.69 10.93
CA ILE A 514 -17.81 11.84 11.62
C ILE A 514 -19.13 12.31 10.97
N GLY A 515 -19.57 11.63 9.91
CA GLY A 515 -20.84 11.94 9.26
C GLY A 515 -20.82 13.20 8.42
N THR A 516 -19.62 13.60 7.99
CA THR A 516 -19.42 14.71 7.06
C THR A 516 -19.75 14.22 5.64
N GLN A 517 -20.35 15.09 4.84
CA GLN A 517 -20.72 14.78 3.45
C GLN A 517 -19.49 14.31 2.67
N CYS A 518 -19.60 13.13 2.06
CA CYS A 518 -18.56 12.57 1.19
C CYS A 518 -18.44 13.42 -0.08
N THR A 519 -17.27 13.99 -0.30
CA THR A 519 -17.02 14.76 -1.53
C THR A 519 -15.65 14.44 -2.09
N ASN A 520 -15.44 14.86 -3.35
CA ASN A 520 -14.14 14.78 -4.00
C ASN A 520 -13.53 16.19 -4.06
N THR A 521 -13.77 17.00 -3.02
CA THR A 521 -13.19 18.34 -2.94
C THR A 521 -12.55 18.53 -1.58
N HIS A 522 -11.56 19.40 -1.54
CA HIS A 522 -10.93 19.81 -0.28
C HIS A 522 -11.90 20.69 0.51
#